data_4C0W
#
_entry.id   4C0W
#
_cell.length_a   72.299
_cell.length_b   95.743
_cell.length_c   146.539
_cell.angle_alpha   90.00
_cell.angle_beta   90.00
_cell.angle_gamma   90.00
#
_symmetry.space_group_name_H-M   'F 2 2 2'
#
loop_
_entity.id
_entity.type
_entity.pdbx_description
1 polymer 'FMN-DEPENDENT NADH-AZOREDUCTASE 1'
2 non-polymer 'FLAVIN MONONUCLEOTIDE'
3 non-polymer 'DODECAETHYLENE GLYCOL'
4 water water
#
_entity_poly.entity_id   1
_entity_poly.type   'polypeptide(L)'
_entity_poly.pdbx_seq_one_letter_code
;MKLLHIDSSILGDNSASRQLSREVVEAWKAADPSVEVVYRDLAADAIAHFSAATLVAAGTPEDVRDAAQAFEAKLSAETL
EEFLAADAVVIGAPMYNFTVPTQLKAWIDRVAVAGKTFRYTEAGPQGLCGNKKVVLVSTAGGLHAGQPTGAGHEDFLKVF
LGFIGITDLEIVRAHGLAYGPEQRSQAIDAAQAQIASELFAVA
;
_entity_poly.pdbx_strand_id   A
#
# COMPACT_ATOMS: atom_id res chain seq x y z
N MET A 1 8.08 -15.45 7.62
N MET A 1 8.10 -15.48 7.58
CA MET A 1 7.09 -14.35 7.49
CA MET A 1 6.92 -14.58 7.49
C MET A 1 6.65 -14.23 6.02
C MET A 1 6.68 -14.14 6.05
N LYS A 2 5.46 -13.65 5.83
CA LYS A 2 4.99 -13.31 4.50
C LYS A 2 5.02 -11.80 4.32
N LEU A 3 5.71 -11.38 3.27
CA LEU A 3 5.83 -9.97 2.94
CA LEU A 3 5.86 -9.98 2.92
C LEU A 3 5.06 -9.72 1.64
N LEU A 4 4.13 -8.77 1.69
CA LEU A 4 3.37 -8.37 0.53
C LEU A 4 3.99 -7.06 0.00
N HIS A 5 4.44 -7.11 -1.24
CA HIS A 5 5.09 -6.00 -1.92
C HIS A 5 4.09 -5.42 -2.91
N ILE A 6 3.66 -4.18 -2.66
CA ILE A 6 2.65 -3.53 -3.49
CA ILE A 6 2.63 -3.50 -3.45
C ILE A 6 3.28 -2.34 -4.19
N ASP A 7 3.07 -2.26 -5.49
CA ASP A 7 3.42 -1.05 -6.27
C ASP A 7 2.15 -0.42 -6.84
N SER A 8 2.15 0.90 -6.98
CA SER A 8 1.01 1.60 -7.62
C SER A 8 1.40 2.66 -8.62
N SER A 9 2.69 2.84 -8.86
CA SER A 9 3.15 3.82 -9.85
C SER A 9 2.72 3.43 -11.26
N ILE A 10 2.43 4.46 -12.06
CA ILE A 10 2.11 4.27 -13.47
C ILE A 10 3.31 4.58 -14.37
N LEU A 11 4.47 4.82 -13.77
CA LEU A 11 5.65 5.31 -14.51
C LEU A 11 6.70 4.23 -14.80
N GLY A 12 6.39 2.99 -14.46
CA GLY A 12 7.21 1.86 -14.90
C GLY A 12 8.66 1.97 -14.48
N ASP A 13 9.59 1.81 -15.41
CA ASP A 13 11.01 1.84 -15.05
CA ASP A 13 11.01 1.85 -15.04
C ASP A 13 11.50 3.24 -14.67
N ASN A 14 10.71 4.26 -14.97
CA ASN A 14 11.02 5.61 -14.52
C ASN A 14 10.48 5.95 -13.13
N SER A 15 9.85 4.98 -12.46
CA SER A 15 9.21 5.19 -11.16
C SER A 15 10.20 5.22 -10.01
N ALA A 16 10.13 6.26 -9.18
CA ALA A 16 10.91 6.34 -7.95
C ALA A 16 10.40 5.32 -6.93
N SER A 17 9.07 5.22 -6.77
CA SER A 17 8.55 4.32 -5.75
C SER A 17 8.75 2.85 -6.10
N ARG A 18 8.75 2.50 -7.37
CA ARG A 18 9.01 1.10 -7.75
C ARG A 18 10.47 0.78 -7.48
N GLN A 19 11.38 1.71 -7.78
CA GLN A 19 12.79 1.49 -7.46
C GLN A 19 13.00 1.26 -5.96
N LEU A 20 12.43 2.16 -5.16
CA LEU A 20 12.67 2.11 -3.72
C LEU A 20 11.91 0.98 -3.03
N SER A 21 10.72 0.64 -3.52
CA SER A 21 9.98 -0.47 -2.93
C SER A 21 10.73 -1.79 -3.17
N ARG A 22 11.27 -1.96 -4.37
CA ARG A 22 12.08 -3.12 -4.70
CA ARG A 22 12.08 -3.12 -4.70
C ARG A 22 13.34 -3.16 -3.81
N GLU A 23 13.98 -2.02 -3.64
CA GLU A 23 15.16 -1.95 -2.77
C GLU A 23 14.86 -2.29 -1.32
N VAL A 24 13.71 -1.85 -0.78
CA VAL A 24 13.32 -2.26 0.56
C VAL A 24 13.15 -3.78 0.63
N VAL A 25 12.45 -4.35 -0.35
CA VAL A 25 12.21 -5.81 -0.36
C VAL A 25 13.52 -6.59 -0.51
N GLU A 26 14.42 -6.15 -1.39
CA GLU A 26 15.73 -6.80 -1.52
C GLU A 26 16.51 -6.77 -0.21
N ALA A 27 16.50 -5.62 0.47
CA ALA A 27 17.16 -5.46 1.76
C ALA A 27 16.53 -6.38 2.79
N TRP A 28 15.21 -6.47 2.76
CA TRP A 28 14.48 -7.34 3.67
C TRP A 28 14.86 -8.80 3.44
N LYS A 29 14.91 -9.24 2.18
CA LYS A 29 15.27 -10.63 1.85
C LYS A 29 16.69 -10.94 2.30
N ALA A 30 17.57 -9.94 2.18
CA ALA A 30 18.96 -10.13 2.58
C ALA A 30 19.07 -10.25 4.10
N ALA A 31 18.25 -9.48 4.82
CA ALA A 31 18.23 -9.47 6.26
C ALA A 31 17.55 -10.71 6.83
N ASP A 32 16.55 -11.22 6.11
CA ASP A 32 15.79 -12.40 6.54
C ASP A 32 15.52 -13.30 5.34
N PRO A 33 16.47 -14.21 5.05
CA PRO A 33 16.32 -15.02 3.84
C PRO A 33 15.11 -15.95 3.82
N SER A 34 14.44 -16.15 4.95
CA SER A 34 13.28 -17.04 4.99
CA SER A 34 13.27 -17.03 5.02
C SER A 34 11.98 -16.32 4.61
N VAL A 35 12.05 -15.00 4.45
CA VAL A 35 10.83 -14.26 4.12
C VAL A 35 10.27 -14.73 2.78
N GLU A 36 8.96 -14.86 2.73
CA GLU A 36 8.28 -15.28 1.52
C GLU A 36 7.58 -14.05 0.93
N VAL A 37 7.94 -13.67 -0.30
CA VAL A 37 7.42 -12.42 -0.91
C VAL A 37 6.29 -12.71 -1.89
N VAL A 38 5.20 -11.96 -1.76
CA VAL A 38 4.11 -11.96 -2.72
C VAL A 38 4.07 -10.56 -3.33
N TYR A 39 4.01 -10.48 -4.65
CA TYR A 39 4.03 -9.19 -5.35
C TYR A 39 2.66 -8.87 -5.94
N ARG A 40 2.23 -7.60 -5.82
CA ARG A 40 1.01 -7.16 -6.48
C ARG A 40 1.27 -5.76 -7.07
N ASP A 41 1.25 -5.69 -8.40
CA ASP A 41 1.41 -4.42 -9.12
C ASP A 41 0.03 -3.89 -9.43
N LEU A 42 -0.42 -2.94 -8.62
CA LEU A 42 -1.76 -2.40 -8.72
C LEU A 42 -1.96 -1.52 -9.94
N ALA A 43 -0.88 -1.13 -10.60
CA ALA A 43 -0.99 -0.37 -11.84
C ALA A 43 -1.09 -1.30 -13.06
N ALA A 44 -0.27 -2.35 -13.09
CA ALA A 44 -0.30 -3.31 -14.19
C ALA A 44 -1.59 -4.11 -14.21
N ASP A 45 -2.12 -4.41 -13.02
CA ASP A 45 -3.30 -5.24 -12.88
C ASP A 45 -4.28 -4.50 -11.99
N ALA A 46 -4.92 -3.48 -12.54
CA ALA A 46 -5.69 -2.54 -11.73
C ALA A 46 -6.97 -3.16 -11.19
N ILE A 47 -7.27 -2.80 -9.95
CA ILE A 47 -8.47 -3.23 -9.27
C ILE A 47 -9.64 -2.33 -9.67
N ALA A 48 -10.77 -2.95 -10.05
CA ALA A 48 -11.94 -2.20 -10.42
C ALA A 48 -12.36 -1.24 -9.32
N HIS A 49 -12.88 -0.08 -9.72
CA HIS A 49 -13.45 0.87 -8.78
C HIS A 49 -14.42 0.14 -7.86
N PHE A 50 -14.33 0.45 -6.57
CA PHE A 50 -15.29 -0.08 -5.60
C PHE A 50 -16.65 0.56 -5.89
N SER A 51 -17.63 -0.26 -6.33
CA SER A 51 -18.83 0.26 -6.94
C SER A 51 -20.10 -0.29 -6.31
N ALA A 52 -21.24 0.20 -6.78
CA ALA A 52 -22.54 -0.35 -6.40
C ALA A 52 -22.54 -1.85 -6.68
N ALA A 53 -22.00 -2.24 -7.83
CA ALA A 53 -21.90 -3.67 -8.16
C ALA A 53 -21.08 -4.48 -7.15
N THR A 54 -19.99 -3.89 -6.63
CA THR A 54 -19.19 -4.54 -5.62
C THR A 54 -20.04 -4.82 -4.38
N LEU A 55 -20.86 -3.86 -3.99
CA LEU A 55 -21.68 -3.99 -2.80
C LEU A 55 -22.78 -5.01 -3.03
N VAL A 56 -23.42 -4.94 -4.20
CA VAL A 56 -24.48 -5.90 -4.53
C VAL A 56 -23.93 -7.32 -4.55
N ALA A 57 -22.75 -7.50 -5.15
CA ALA A 57 -22.13 -8.84 -5.21
C ALA A 57 -21.85 -9.40 -3.83
N ALA A 58 -21.38 -8.54 -2.93
CA ALA A 58 -21.06 -8.97 -1.59
C ALA A 58 -22.32 -9.46 -0.85
N GLY A 59 -23.47 -8.87 -1.16
CA GLY A 59 -24.70 -9.25 -0.49
C GLY A 59 -25.51 -10.30 -1.22
N THR A 60 -24.95 -10.85 -2.28
CA THR A 60 -25.64 -11.86 -3.10
C THR A 60 -25.05 -13.23 -2.83
N PRO A 61 -25.91 -14.23 -2.53
CA PRO A 61 -25.31 -15.56 -2.29
C PRO A 61 -24.56 -16.08 -3.51
N GLU A 62 -23.44 -16.77 -3.28
CA GLU A 62 -22.57 -17.27 -4.34
C GLU A 62 -23.34 -18.05 -5.40
N ASP A 63 -24.33 -18.82 -4.95
CA ASP A 63 -25.06 -19.71 -5.84
C ASP A 63 -26.01 -18.96 -6.77
N VAL A 64 -26.24 -17.67 -6.50
CA VAL A 64 -27.14 -16.86 -7.32
C VAL A 64 -26.39 -15.75 -8.07
N ARG A 65 -25.10 -15.58 -7.78
CA ARG A 65 -24.33 -14.55 -8.49
C ARG A 65 -24.20 -14.85 -9.97
N ASP A 66 -24.26 -13.81 -10.80
CA ASP A 66 -23.89 -13.93 -12.20
C ASP A 66 -22.38 -13.75 -12.34
N ALA A 67 -21.87 -13.81 -13.56
CA ALA A 67 -20.42 -13.81 -13.78
C ALA A 67 -19.78 -12.51 -13.31
N ALA A 68 -20.37 -11.37 -13.65
CA ALA A 68 -19.82 -10.08 -13.19
C ALA A 68 -19.78 -10.03 -11.65
N GLN A 69 -20.78 -10.58 -10.98
CA GLN A 69 -20.79 -10.53 -9.51
C GLN A 69 -19.77 -11.50 -8.94
N ALA A 70 -19.57 -12.64 -9.62
CA ALA A 70 -18.54 -13.56 -9.17
C ALA A 70 -17.17 -12.92 -9.29
N PHE A 71 -16.97 -12.12 -10.34
CA PHE A 71 -15.72 -11.38 -10.52
C PHE A 71 -15.50 -10.43 -9.34
N GLU A 72 -16.51 -9.60 -9.04
CA GLU A 72 -16.36 -8.62 -7.97
C GLU A 72 -16.11 -9.33 -6.64
N ALA A 73 -16.86 -10.39 -6.37
CA ALA A 73 -16.67 -11.09 -5.11
C ALA A 73 -15.31 -11.74 -5.00
N LYS A 74 -14.81 -12.31 -6.09
CA LYS A 74 -13.49 -12.93 -6.04
CA LYS A 74 -13.49 -12.93 -6.05
C LYS A 74 -12.41 -11.87 -5.88
N LEU A 75 -12.56 -10.76 -6.58
CA LEU A 75 -11.61 -9.67 -6.46
C LEU A 75 -11.53 -9.20 -5.01
N SER A 76 -12.69 -9.04 -4.40
CA SER A 76 -12.73 -8.63 -3.01
C SER A 76 -12.08 -9.68 -2.12
N ALA A 77 -12.41 -10.94 -2.38
CA ALA A 77 -11.89 -12.01 -1.53
C ALA A 77 -10.38 -12.18 -1.66
N GLU A 78 -9.87 -12.20 -2.88
CA GLU A 78 -8.47 -12.51 -3.06
C GLU A 78 -7.56 -11.40 -2.54
N THR A 79 -7.99 -10.16 -2.71
CA THR A 79 -7.23 -8.99 -2.26
CA THR A 79 -7.16 -9.05 -2.26
C THR A 79 -7.18 -8.98 -0.74
N LEU A 80 -8.34 -9.14 -0.13
CA LEU A 80 -8.45 -9.17 1.33
C LEU A 80 -7.64 -10.33 1.91
N GLU A 81 -7.80 -11.52 1.35
CA GLU A 81 -7.07 -12.69 1.88
C GLU A 81 -5.56 -12.54 1.80
N GLU A 82 -5.07 -11.94 0.72
CA GLU A 82 -3.66 -11.72 0.54
C GLU A 82 -3.11 -10.77 1.61
N PHE A 83 -3.89 -9.73 1.91
CA PHE A 83 -3.50 -8.77 2.94
C PHE A 83 -3.55 -9.40 4.33
N LEU A 84 -4.61 -10.16 4.63
CA LEU A 84 -4.73 -10.81 5.94
C LEU A 84 -3.56 -11.77 6.17
N ALA A 85 -3.14 -12.44 5.11
CA ALA A 85 -2.04 -13.41 5.21
C ALA A 85 -0.68 -12.77 5.41
N ALA A 86 -0.54 -11.51 5.00
CA ALA A 86 0.73 -10.84 5.07
C ALA A 86 1.09 -10.44 6.49
N ASP A 87 2.35 -10.62 6.85
CA ASP A 87 2.89 -10.14 8.11
C ASP A 87 3.59 -8.80 7.96
N ALA A 88 3.95 -8.47 6.75
CA ALA A 88 4.63 -7.20 6.49
C ALA A 88 4.18 -6.75 5.12
N VAL A 89 4.03 -5.44 4.94
CA VAL A 89 3.59 -4.91 3.66
C VAL A 89 4.47 -3.73 3.29
N VAL A 90 5.01 -3.74 2.08
CA VAL A 90 5.79 -2.64 1.56
C VAL A 90 4.94 -2.03 0.46
N ILE A 91 4.61 -0.74 0.60
CA ILE A 91 3.65 -0.12 -0.29
C ILE A 91 4.27 1.06 -1.02
N GLY A 92 4.36 0.96 -2.34
CA GLY A 92 4.79 2.10 -3.15
C GLY A 92 3.62 3.07 -3.29
N ALA A 93 3.83 4.32 -2.87
CA ALA A 93 2.74 5.31 -2.79
C ALA A 93 3.16 6.67 -3.38
N PRO A 94 3.11 6.76 -4.70
CA PRO A 94 3.27 8.07 -5.34
C PRO A 94 2.22 9.06 -4.91
N MET A 95 2.55 10.34 -5.10
CA MET A 95 1.58 11.41 -5.00
CA MET A 95 1.55 11.41 -5.01
C MET A 95 1.18 11.83 -6.41
N TYR A 96 -0.08 11.57 -6.79
CA TYR A 96 -0.63 12.02 -8.07
C TYR A 96 -1.84 12.89 -7.76
N ASN A 97 -1.78 14.12 -8.25
CA ASN A 97 -2.83 15.11 -8.02
C ASN A 97 -3.26 15.18 -6.56
N PHE A 98 -2.24 15.36 -5.73
CA PHE A 98 -2.37 15.69 -4.31
CA PHE A 98 -2.43 15.72 -4.33
C PHE A 98 -2.88 14.57 -3.43
N THR A 99 -2.90 13.35 -3.97
CA THR A 99 -3.27 12.19 -3.17
C THR A 99 -2.56 10.96 -3.72
N VAL A 100 -3.02 9.78 -3.32
CA VAL A 100 -2.44 8.54 -3.84
C VAL A 100 -3.09 8.19 -5.18
N PRO A 101 -2.45 7.29 -5.94
CA PRO A 101 -3.09 6.86 -7.18
C PRO A 101 -4.43 6.16 -6.90
N THR A 102 -5.40 6.32 -7.80
CA THR A 102 -6.67 5.58 -7.63
C THR A 102 -6.42 4.06 -7.61
N GLN A 103 -5.35 3.62 -8.28
CA GLN A 103 -4.98 2.20 -8.23
C GLN A 103 -4.68 1.73 -6.82
N LEU A 104 -4.09 2.60 -6.01
CA LEU A 104 -3.81 2.27 -4.63
C LEU A 104 -5.07 2.39 -3.77
N LYS A 105 -5.85 3.45 -3.97
CA LYS A 105 -7.07 3.59 -3.19
C LYS A 105 -8.06 2.48 -3.47
N ALA A 106 -8.08 1.97 -4.69
CA ALA A 106 -8.98 0.87 -5.00
C ALA A 106 -8.60 -0.38 -4.22
N TRP A 107 -7.32 -0.57 -3.96
CA TRP A 107 -6.84 -1.65 -3.10
C TRP A 107 -7.27 -1.41 -1.66
N ILE A 108 -7.06 -0.19 -1.17
CA ILE A 108 -7.51 0.17 0.17
C ILE A 108 -8.98 -0.15 0.37
N ASP A 109 -9.80 0.16 -0.64
CA ASP A 109 -11.24 -0.10 -0.53
C ASP A 109 -11.58 -1.58 -0.37
N ARG A 110 -10.75 -2.47 -0.91
CA ARG A 110 -10.95 -3.92 -0.76
C ARG A 110 -10.35 -4.46 0.52
N VAL A 111 -9.43 -3.74 1.16
CA VAL A 111 -8.83 -4.30 2.38
CA VAL A 111 -8.82 -4.27 2.38
C VAL A 111 -9.45 -3.71 3.65
N ALA A 112 -10.22 -2.63 3.53
CA ALA A 112 -10.90 -2.02 4.68
C ALA A 112 -12.26 -2.68 4.83
N VAL A 113 -12.29 -3.81 5.55
CA VAL A 113 -13.46 -4.68 5.62
C VAL A 113 -13.82 -4.96 7.07
N ALA A 114 -15.04 -4.56 7.44
CA ALA A 114 -15.52 -4.73 8.82
C ALA A 114 -15.54 -6.21 9.16
N GLY A 115 -15.02 -6.53 10.34
CA GLY A 115 -14.95 -7.90 10.79
C GLY A 115 -13.66 -8.58 10.40
N LYS A 116 -12.86 -7.95 9.53
CA LYS A 116 -11.65 -8.61 9.02
C LYS A 116 -10.38 -7.82 9.32
N THR A 117 -10.33 -6.55 8.89
CA THR A 117 -9.19 -5.71 9.21
C THR A 117 -9.49 -4.67 10.30
N PHE A 118 -10.75 -4.53 10.65
CA PHE A 118 -11.19 -3.74 11.81
C PHE A 118 -12.53 -4.30 12.23
N ARG A 119 -12.97 -3.98 13.44
CA ARG A 119 -14.30 -4.42 13.84
C ARG A 119 -14.98 -3.35 14.66
N TYR A 120 -16.30 -3.38 14.64
CA TYR A 120 -17.09 -2.50 15.45
C TYR A 120 -17.33 -3.17 16.78
N THR A 121 -17.06 -2.45 17.84
CA THR A 121 -17.36 -2.96 19.17
C THR A 121 -18.26 -1.97 19.90
N GLU A 122 -18.84 -2.37 21.02
CA GLU A 122 -19.64 -1.42 21.79
C GLU A 122 -18.76 -0.26 22.26
N ALA A 123 -17.44 -0.44 22.25
CA ALA A 123 -16.53 0.62 22.64
C ALA A 123 -16.01 1.45 21.46
N GLY A 124 -16.53 1.18 20.26
CA GLY A 124 -16.06 1.87 19.07
C GLY A 124 -15.25 0.93 18.19
N PRO A 125 -14.78 1.43 17.04
CA PRO A 125 -14.03 0.62 16.07
C PRO A 125 -12.65 0.24 16.60
N GLN A 126 -12.23 -0.98 16.29
CA GLN A 126 -10.94 -1.48 16.71
C GLN A 126 -10.23 -2.05 15.46
N GLY A 127 -9.02 -1.60 15.22
CA GLY A 127 -8.21 -2.17 14.15
C GLY A 127 -7.72 -3.55 14.53
N LEU A 128 -7.64 -4.45 13.56
CA LEU A 128 -7.26 -5.83 13.80
C LEU A 128 -5.91 -6.19 13.21
N CYS A 129 -5.20 -5.21 12.66
CA CYS A 129 -3.95 -5.47 11.95
C CYS A 129 -2.69 -5.05 12.71
N GLY A 130 -2.77 -4.96 14.04
CA GLY A 130 -1.65 -4.53 14.87
C GLY A 130 -0.37 -5.37 14.79
N ASN A 131 -0.47 -6.61 14.36
CA ASN A 131 0.74 -7.41 14.21
C ASN A 131 1.49 -7.12 12.90
N LYS A 132 0.90 -6.35 11.97
CA LYS A 132 1.53 -6.21 10.68
C LYS A 132 2.52 -5.06 10.68
N LYS A 133 3.68 -5.28 10.07
CA LYS A 133 4.65 -4.21 9.85
C LYS A 133 4.41 -3.60 8.49
N VAL A 134 4.42 -2.27 8.37
CA VAL A 134 4.25 -1.64 7.07
C VAL A 134 5.42 -0.69 6.81
N VAL A 135 5.94 -0.73 5.59
CA VAL A 135 6.88 0.26 5.12
C VAL A 135 6.21 0.98 3.97
N LEU A 136 5.95 2.28 4.14
CA LEU A 136 5.39 3.09 3.10
CA LEU A 136 5.39 3.10 3.08
C LEU A 136 6.52 3.75 2.32
N VAL A 137 6.53 3.61 1.01
CA VAL A 137 7.51 4.21 0.15
C VAL A 137 6.79 5.39 -0.53
N SER A 138 7.08 6.58 -0.02
CA SER A 138 6.36 7.79 -0.36
C SER A 138 7.19 8.64 -1.31
N THR A 139 6.67 8.87 -2.49
CA THR A 139 7.40 9.65 -3.48
C THR A 139 6.55 10.80 -4.00
N ALA A 140 7.18 11.94 -4.23
CA ALA A 140 6.45 13.13 -4.67
C ALA A 140 7.34 14.07 -5.44
N GLY A 141 6.74 14.83 -6.37
CA GLY A 141 7.48 15.83 -7.12
C GLY A 141 7.91 17.01 -6.26
N GLY A 142 7.04 17.45 -5.38
CA GLY A 142 7.30 18.57 -4.50
C GLY A 142 7.60 18.15 -3.07
N LEU A 143 7.73 19.15 -2.20
CA LEU A 143 8.02 18.93 -0.78
C LEU A 143 6.89 19.52 -0.02
N HIS A 144 5.93 18.70 0.35
CA HIS A 144 4.74 19.19 1.03
C HIS A 144 4.34 18.38 2.27
N ALA A 145 5.19 17.46 2.70
CA ALA A 145 4.93 16.79 3.95
C ALA A 145 4.85 17.78 5.09
N GLY A 146 3.88 17.56 5.96
CA GLY A 146 3.68 18.42 7.11
C GLY A 146 2.98 19.72 6.77
N GLN A 147 2.57 19.87 5.52
CA GLN A 147 1.86 21.08 5.10
C GLN A 147 0.49 20.72 4.57
N PRO A 148 -0.41 21.72 4.48
CA PRO A 148 -1.76 21.38 4.02
C PRO A 148 -1.76 20.66 2.68
N THR A 149 -0.85 21.01 1.78
CA THR A 149 -0.84 20.43 0.43
C THR A 149 -0.64 18.92 0.51
N GLY A 150 -0.04 18.44 1.59
CA GLY A 150 0.17 17.03 1.74
C GLY A 150 -0.94 16.17 2.35
N ALA A 151 -2.07 16.79 2.72
CA ALA A 151 -3.16 16.12 3.39
C ALA A 151 -3.63 14.82 2.73
N GLY A 152 -3.77 14.86 1.41
CA GLY A 152 -4.33 13.73 0.71
C GLY A 152 -3.35 12.59 0.50
N HIS A 153 -2.08 12.79 0.85
CA HIS A 153 -1.04 11.80 0.57
C HIS A 153 -0.61 11.07 1.85
N GLU A 154 0.49 11.47 2.49
CA GLU A 154 0.90 10.76 3.71
C GLU A 154 -0.10 10.87 4.87
N ASP A 155 -0.74 12.02 5.03
CA ASP A 155 -1.66 12.16 6.15
C ASP A 155 -2.82 11.17 6.01
N PHE A 156 -3.44 11.15 4.83
CA PHE A 156 -4.49 10.20 4.52
C PHE A 156 -4.02 8.76 4.77
N LEU A 157 -2.85 8.41 4.25
CA LEU A 157 -2.35 7.04 4.43
C LEU A 157 -2.20 6.70 5.91
N LYS A 158 -1.70 7.64 6.70
CA LYS A 158 -1.54 7.39 8.14
C LYS A 158 -2.88 7.19 8.85
N VAL A 159 -3.91 7.92 8.41
CA VAL A 159 -5.25 7.76 8.92
C VAL A 159 -5.76 6.35 8.63
N PHE A 160 -5.69 5.92 7.37
CA PHE A 160 -6.14 4.59 7.00
CA PHE A 160 -6.16 4.60 7.04
C PHE A 160 -5.41 3.51 7.79
N LEU A 161 -4.08 3.58 7.78
CA LEU A 161 -3.31 2.54 8.44
C LEU A 161 -3.60 2.52 9.95
N GLY A 162 -3.70 3.69 10.56
CA GLY A 162 -4.05 3.76 11.98
C GLY A 162 -5.40 3.14 12.26
N PHE A 163 -6.38 3.38 11.39
CA PHE A 163 -7.71 2.86 11.60
C PHE A 163 -7.76 1.32 11.63
N ILE A 164 -6.99 0.68 10.76
CA ILE A 164 -6.98 -0.76 10.75
C ILE A 164 -5.98 -1.31 11.76
N GLY A 165 -5.39 -0.43 12.56
CA GLY A 165 -4.59 -0.87 13.70
C GLY A 165 -3.11 -1.01 13.51
N ILE A 166 -2.57 -0.54 12.39
CA ILE A 166 -1.12 -0.61 12.20
C ILE A 166 -0.44 0.34 13.19
N THR A 167 0.51 -0.17 13.97
CA THR A 167 1.29 0.67 14.85
C THR A 167 2.76 0.70 14.42
N ASP A 168 3.18 -0.33 13.71
CA ASP A 168 4.59 -0.48 13.36
C ASP A 168 4.73 -0.02 11.91
N LEU A 169 4.99 1.28 11.73
CA LEU A 169 5.03 1.91 10.42
C LEU A 169 6.35 2.64 10.26
N GLU A 170 7.00 2.42 9.12
CA GLU A 170 8.15 3.22 8.71
C GLU A 170 7.83 3.86 7.37
N ILE A 171 8.25 5.12 7.19
CA ILE A 171 8.08 5.81 5.92
C ILE A 171 9.44 6.09 5.30
N VAL A 172 9.64 5.52 4.13
CA VAL A 172 10.81 5.77 3.30
C VAL A 172 10.40 6.81 2.27
N ARG A 173 10.99 8.00 2.37
CA ARG A 173 10.54 9.14 1.57
C ARG A 173 11.58 9.63 0.57
N ALA A 174 11.12 9.91 -0.66
CA ALA A 174 11.93 10.62 -1.64
C ALA A 174 11.02 11.68 -2.27
N HIS A 175 11.13 12.92 -1.78
CA HIS A 175 10.26 14.02 -2.22
C HIS A 175 11.10 15.12 -2.88
N GLY A 176 10.45 16.07 -3.53
CA GLY A 176 11.16 17.09 -4.29
C GLY A 176 11.76 16.57 -5.58
N LEU A 177 11.23 15.48 -6.12
CA LEU A 177 11.82 14.81 -7.26
C LEU A 177 11.65 15.60 -8.56
N ALA A 178 10.77 16.59 -8.56
CA ALA A 178 10.50 17.36 -9.77
C ALA A 178 11.35 18.61 -9.87
N TYR A 179 12.16 18.86 -8.86
CA TYR A 179 12.90 20.13 -8.79
C TYR A 179 14.24 20.10 -9.49
N GLY A 180 14.55 19.00 -10.15
CA GLY A 180 15.78 18.94 -10.91
C GLY A 180 16.56 17.70 -10.59
N PRO A 181 17.51 17.34 -11.45
CA PRO A 181 18.27 16.08 -11.32
C PRO A 181 19.06 15.95 -10.01
N GLU A 182 19.72 17.01 -9.56
CA GLU A 182 20.52 16.92 -8.35
C GLU A 182 19.62 16.74 -7.13
N GLN A 183 18.49 17.44 -7.11
CA GLN A 183 17.60 17.30 -5.97
C GLN A 183 16.95 15.92 -5.99
N ARG A 184 16.60 15.43 -7.16
CA ARG A 184 16.00 14.11 -7.27
C ARG A 184 17.02 13.06 -6.84
N SER A 185 18.26 13.21 -7.29
CA SER A 185 19.29 12.23 -6.95
C SER A 185 19.54 12.19 -5.46
N GLN A 186 19.61 13.35 -4.82
CA GLN A 186 19.90 13.35 -3.38
C GLN A 186 18.72 12.77 -2.60
N ALA A 187 17.49 13.01 -3.06
CA ALA A 187 16.34 12.55 -2.29
C ALA A 187 16.32 11.03 -2.31
N ILE A 188 16.61 10.46 -3.47
CA ILE A 188 16.73 9.02 -3.62
C ILE A 188 17.92 8.47 -2.82
N ASP A 189 19.05 9.17 -2.86
CA ASP A 189 20.20 8.74 -2.06
C ASP A 189 19.88 8.70 -0.57
N ALA A 190 19.14 9.69 -0.08
CA ALA A 190 18.80 9.76 1.34
C ALA A 190 17.87 8.60 1.69
N ALA A 191 16.91 8.33 0.82
CA ALA A 191 16.00 7.20 1.03
C ALA A 191 16.79 5.89 1.08
N GLN A 192 17.78 5.72 0.18
CA GLN A 192 18.61 4.53 0.19
C GLN A 192 19.40 4.39 1.49
N ALA A 193 19.86 5.52 2.03
CA ALA A 193 20.56 5.52 3.32
C ALA A 193 19.62 5.08 4.44
N GLN A 194 18.37 5.52 4.41
CA GLN A 194 17.42 5.05 5.38
CA GLN A 194 17.39 5.05 5.38
C GLN A 194 17.28 3.54 5.28
N ILE A 195 17.12 3.05 4.06
CA ILE A 195 16.93 1.61 3.86
C ILE A 195 18.12 0.86 4.43
N ALA A 196 19.32 1.35 4.16
CA ALA A 196 20.57 0.66 4.52
C ALA A 196 20.88 0.66 6.02
N SER A 197 20.46 1.69 6.74
CA SER A 197 20.92 1.89 8.11
C SER A 197 19.83 2.24 9.13
N GLU A 198 18.56 2.33 8.70
CA GLU A 198 17.48 2.80 9.57
C GLU A 198 16.21 1.97 9.47
N LEU A 199 16.27 0.86 8.76
CA LEU A 199 15.10 0.00 8.65
C LEU A 199 15.32 -1.32 9.36
N PHE A 200 16.46 -1.96 9.12
CA PHE A 200 16.73 -3.30 9.64
C PHE A 200 17.85 -3.28 10.68
N ALA A 201 17.88 -4.12 11.59
#